data_9I6A
#
_entry.id   9I6A
#
_cell.length_a   35.003
_cell.length_b   86.869
_cell.length_c   48.027
_cell.angle_alpha   90.00
_cell.angle_beta   109.60
_cell.angle_gamma   90.00
#
_symmetry.space_group_name_H-M   'P 1 21 1'
#
loop_
_entity.id
_entity.type
_entity.pdbx_description
1 polymer 'Cell division cycle protein 20 homolog'
2 polymer ALA-PRO-0JY-GLY
3 water water
#
loop_
_entity_poly.entity_id
_entity_poly.type
_entity_poly.pdbx_seq_one_letter_code
_entity_poly.pdbx_strand_id
1 'polypeptide(L)'
;MAQFAFESDLHSLLQLDAPIPNAPPARWQRKAKEAAGPAPSPMRAANRSHSAGRTPGRTPGKSSSKVQTTPSKPGGDRYI
PHRSAAQMEVASFLLSKENQPENSQTPTKKEHQKAWALNLNGFDVEEAKILRLSGKPQNAPEGYQNRLKVLYSQKATPGS
SRKTCRYIPSLPDRILDAPEIRNDYYLNLVDWSSGNVLAVALDNSVYLWSASSGDILQLLQMEQPGEYISSVAWIKEGNY
LAVGTSSAEVQLWDVQQQKRLRNMTSHSARVGSLSWNSYILSSGSRSGHIHHHDVRVAEHHVATLSGHSQEVCGLRWAPD
GRHLASGGNDNLVNVWPSAPGEGGWVPLQTFTQHQGAVKAVAWCPWQSNVLATGGGTSDRHIRIWNVCSGACLSAVDAHS
QVCSILWSPHYKELISGHGFAQNQLVIWKYPTMAKVAELKGHTSRVLSLTMSPDGATVASAAADETLRLWRCFELDPARR
REREKASAAKSSLIHQGIR
;
A
2 'polypeptide(L)' RAP(0JY)GDISN B
#
# COMPACT_ATOMS: atom_id res chain seq x y z
N ILE A 168 -7.03 -5.74 23.17
CA ILE A 168 -6.03 -5.30 22.20
C ILE A 168 -4.75 -4.90 22.92
N PRO A 169 -3.63 -5.55 22.59
CA PRO A 169 -2.38 -5.20 23.27
C PRO A 169 -1.96 -3.77 22.94
N SER A 170 -1.47 -3.03 23.93
CA SER A 170 -0.98 -1.66 23.68
C SER A 170 0.47 -1.65 23.16
N LEU A 171 1.18 -2.79 23.23
CA LEU A 171 2.54 -2.95 22.74
C LEU A 171 2.57 -3.83 21.49
N PRO A 172 3.48 -3.56 20.56
CA PRO A 172 3.61 -4.45 19.40
C PRO A 172 4.14 -5.83 19.85
N ASP A 173 3.89 -6.91 19.11
CA ASP A 173 4.48 -8.22 19.43
C ASP A 173 5.95 -8.28 19.00
N ARG A 174 6.36 -7.49 18.00
CA ARG A 174 7.75 -7.43 17.54
C ARG A 174 8.09 -6.02 17.06
N ILE A 175 9.38 -5.66 17.13
CA ILE A 175 9.85 -4.41 16.55
C ILE A 175 11.07 -4.77 15.75
N LEU A 176 11.02 -4.55 14.44
CA LEU A 176 12.13 -4.84 13.55
C LEU A 176 12.82 -3.52 13.23
N ASP A 177 14.15 -3.51 13.17
CA ASP A 177 14.87 -2.30 12.78
C ASP A 177 14.66 -2.13 11.26
N ALA A 178 14.41 -0.91 10.85
CA ALA A 178 14.23 -0.56 9.44
C ALA A 178 15.21 0.59 9.15
N PRO A 179 16.53 0.34 9.27
CA PRO A 179 17.48 1.43 9.04
C PRO A 179 17.40 1.94 7.62
N GLU A 180 17.49 3.27 7.46
CA GLU A 180 17.46 3.93 6.17
C GLU A 180 16.16 3.83 5.42
N ILE A 181 15.03 3.54 6.11
CA ILE A 181 13.73 3.56 5.45
C ILE A 181 13.47 4.98 4.92
N ARG A 182 13.08 5.06 3.67
CA ARG A 182 12.89 6.34 3.01
C ARG A 182 11.70 7.07 3.56
N ASN A 183 11.94 8.25 4.16
CA ASN A 183 10.85 9.04 4.73
C ASN A 183 10.18 9.85 3.64
N ASP A 184 9.53 9.14 2.71
CA ASP A 184 8.83 9.73 1.58
C ASP A 184 7.44 9.18 1.67
N TYR A 185 6.49 10.06 1.98
CA TYR A 185 5.09 9.74 2.17
C TYR A 185 4.43 8.99 1.04
N TYR A 186 4.81 9.26 -0.20
CA TYR A 186 4.13 8.70 -1.37
C TYR A 186 4.54 7.28 -1.76
N LEU A 187 5.59 6.76 -1.13
CA LEU A 187 6.06 5.43 -1.45
C LEU A 187 5.34 4.33 -0.69
N ASN A 188 5.31 3.11 -1.23
CA ASN A 188 4.65 1.99 -0.59
C ASN A 188 5.70 0.93 -0.42
N LEU A 189 6.43 1.03 0.67
CA LEU A 189 7.64 0.27 0.90
C LEU A 189 7.51 -1.04 1.61
N VAL A 190 6.30 -1.43 2.06
CA VAL A 190 6.17 -2.69 2.77
C VAL A 190 4.98 -3.47 2.27
N ASP A 191 5.10 -4.79 2.31
CA ASP A 191 4.01 -5.66 1.95
C ASP A 191 4.21 -7.02 2.58
N TRP A 192 3.14 -7.61 3.08
CA TRP A 192 3.19 -8.89 3.73
C TRP A 192 2.56 -9.92 2.80
N SER A 193 3.32 -10.93 2.43
CA SER A 193 2.86 -11.92 1.46
C SER A 193 1.91 -12.93 2.05
N SER A 194 1.17 -13.60 1.18
CA SER A 194 0.32 -14.70 1.56
C SER A 194 1.13 -15.89 2.12
N GLY A 195 2.44 -15.94 1.84
CA GLY A 195 3.38 -16.94 2.37
C GLY A 195 4.01 -16.51 3.69
N ASN A 196 3.51 -15.44 4.31
CA ASN A 196 3.97 -14.94 5.59
C ASN A 196 5.40 -14.35 5.56
N VAL A 197 5.75 -13.72 4.45
CA VAL A 197 7.04 -13.06 4.31
C VAL A 197 6.82 -11.57 4.12
N LEU A 198 7.43 -10.77 4.97
CA LEU A 198 7.33 -9.33 4.90
C LEU A 198 8.42 -8.82 4.00
N ALA A 199 8.05 -8.04 2.99
CA ALA A 199 9.02 -7.42 2.10
C ALA A 199 9.14 -5.99 2.55
N VAL A 200 10.35 -5.57 2.84
CA VAL A 200 10.62 -4.24 3.35
C VAL A 200 11.66 -3.55 2.49
N ALA A 201 11.30 -2.44 1.87
CA ALA A 201 12.27 -1.70 1.05
C ALA A 201 12.97 -0.67 1.92
N LEU A 202 14.29 -0.81 2.06
CA LEU A 202 15.10 0.10 2.85
C LEU A 202 16.11 0.75 1.91
N ASP A 203 15.83 2.00 1.54
CA ASP A 203 16.61 2.78 0.61
C ASP A 203 16.73 2.05 -0.74
N ASN A 204 17.90 1.50 -1.09
CA ASN A 204 18.07 0.83 -2.36
C ASN A 204 17.99 -0.69 -2.28
N SER A 205 17.59 -1.24 -1.15
CA SER A 205 17.56 -2.69 -0.99
C SER A 205 16.19 -3.14 -0.58
N VAL A 206 15.89 -4.40 -0.85
CA VAL A 206 14.65 -5.01 -0.40
C VAL A 206 15.08 -6.15 0.49
N TYR A 207 14.52 -6.16 1.69
CA TYR A 207 14.77 -7.22 2.65
C TYR A 207 13.50 -8.04 2.79
N LEU A 208 13.67 -9.32 2.98
CA LEU A 208 12.57 -10.22 3.22
C LEU A 208 12.76 -10.74 4.61
N TRP A 209 11.67 -10.76 5.37
CA TRP A 209 11.70 -11.27 6.71
C TRP A 209 10.60 -12.30 6.85
N SER A 210 10.95 -13.56 7.13
CA SER A 210 9.95 -14.59 7.31
C SER A 210 9.41 -14.43 8.70
N ALA A 211 8.09 -14.22 8.82
CA ALA A 211 7.46 -14.08 10.12
C ALA A 211 7.48 -15.38 10.93
N SER A 212 7.64 -16.53 10.26
CA SER A 212 7.67 -17.81 10.95
C SER A 212 9.06 -18.10 11.56
N SER A 213 10.13 -17.94 10.78
CA SER A 213 11.47 -18.28 11.24
C SER A 213 12.31 -17.12 11.72
N GLY A 214 11.92 -15.91 11.35
CA GLY A 214 12.72 -14.73 11.64
C GLY A 214 13.91 -14.58 10.72
N ASP A 215 14.04 -15.46 9.69
CA ASP A 215 15.14 -15.37 8.76
C ASP A 215 15.04 -14.11 7.93
N ILE A 216 16.18 -13.47 7.69
CA ILE A 216 16.20 -12.25 6.89
C ILE A 216 17.04 -12.49 5.66
N LEU A 217 16.57 -12.03 4.52
CA LEU A 217 17.27 -12.16 3.26
C LEU A 217 17.32 -10.79 2.60
N GLN A 218 18.51 -10.33 2.20
CA GLN A 218 18.60 -9.12 1.40
C GLN A 218 18.33 -9.64 -0.03
N LEU A 219 17.11 -9.49 -0.51
CA LEU A 219 16.71 -10.04 -1.80
C LEU A 219 17.46 -9.37 -2.94
N LEU A 220 17.55 -8.05 -2.88
CA LEU A 220 18.17 -7.30 -3.96
C LEU A 220 18.72 -5.99 -3.49
N GLN A 221 19.55 -5.40 -4.31
CA GLN A 221 20.07 -4.07 -4.10
C GLN A 221 20.11 -3.44 -5.46
N MET A 222 19.63 -2.19 -5.58
CA MET A 222 19.70 -1.43 -6.82
C MET A 222 21.14 -1.28 -7.26
N GLU A 223 21.38 -1.33 -8.56
CA GLU A 223 22.75 -1.30 -9.06
C GLU A 223 23.29 0.10 -9.36
N GLN A 224 22.45 1.07 -9.69
CA GLN A 224 22.94 2.40 -10.06
C GLN A 224 22.89 3.42 -8.92
N PRO A 225 23.86 4.36 -8.89
CA PRO A 225 23.84 5.40 -7.86
C PRO A 225 22.57 6.26 -7.92
N GLY A 226 22.08 6.64 -6.75
CA GLY A 226 20.86 7.43 -6.63
C GLY A 226 19.58 6.64 -6.74
N GLU A 227 19.64 5.38 -7.18
CA GLU A 227 18.45 4.55 -7.31
C GLU A 227 17.94 4.09 -5.96
N TYR A 228 16.63 4.09 -5.82
CA TYR A 228 16.01 3.60 -4.62
C TYR A 228 14.72 2.87 -4.95
N ILE A 229 14.26 2.04 -4.03
CA ILE A 229 13.03 1.30 -4.22
C ILE A 229 11.88 2.23 -3.84
N SER A 230 10.91 2.35 -4.72
CA SER A 230 9.75 3.21 -4.49
C SER A 230 8.47 2.45 -4.21
N SER A 231 8.44 1.13 -4.44
CA SER A 231 7.29 0.33 -4.09
C SER A 231 7.58 -1.15 -4.10
N VAL A 232 6.84 -1.91 -3.31
CA VAL A 232 6.93 -3.36 -3.32
C VAL A 232 5.52 -3.89 -3.24
N ALA A 233 5.25 -5.00 -3.91
CA ALA A 233 3.96 -5.67 -3.79
C ALA A 233 4.09 -7.12 -4.17
N TRP A 234 3.57 -7.99 -3.31
CA TRP A 234 3.58 -9.41 -3.55
C TRP A 234 2.47 -9.82 -4.45
N ILE A 235 2.70 -10.76 -5.36
CA ILE A 235 1.63 -11.36 -6.15
C ILE A 235 0.73 -12.19 -5.18
N LYS A 236 -0.54 -12.46 -5.54
CA LYS A 236 -1.44 -13.21 -4.64
C LYS A 236 -0.86 -14.51 -4.09
N GLU A 237 -0.18 -15.32 -4.90
CA GLU A 237 0.42 -16.58 -4.43
C GLU A 237 1.68 -16.40 -3.53
N GLY A 238 2.23 -15.18 -3.47
CA GLY A 238 3.37 -14.87 -2.64
C GLY A 238 4.72 -15.38 -3.12
N ASN A 239 4.81 -15.87 -4.36
CA ASN A 239 6.07 -16.39 -4.87
C ASN A 239 6.85 -15.40 -5.75
N TYR A 240 6.23 -14.31 -6.14
CA TYR A 240 6.86 -13.26 -6.92
C TYR A 240 6.64 -11.94 -6.22
N LEU A 241 7.64 -11.07 -6.31
CA LEU A 241 7.55 -9.77 -5.70
C LEU A 241 7.76 -8.73 -6.76
N ALA A 242 6.87 -7.78 -6.85
CA ALA A 242 7.04 -6.67 -7.78
C ALA A 242 7.74 -5.58 -7.01
N VAL A 243 8.67 -4.93 -7.65
CA VAL A 243 9.46 -3.87 -7.04
C VAL A 243 9.52 -2.70 -7.99
N GLY A 244 8.95 -1.59 -7.58
CA GLY A 244 8.99 -0.37 -8.37
C GLY A 244 10.21 0.41 -7.97
N THR A 245 10.84 1.08 -8.92
CA THR A 245 12.07 1.82 -8.62
C THR A 245 11.95 3.28 -9.00
N SER A 246 12.84 4.09 -8.45
CA SER A 246 13.01 5.50 -8.75
C SER A 246 13.44 5.68 -10.20
N SER A 247 14.05 4.66 -10.85
CA SER A 247 14.40 4.76 -12.26
C SER A 247 13.26 4.29 -13.18
N ALA A 248 12.00 4.35 -12.66
CA ALA A 248 10.80 4.02 -13.41
C ALA A 248 10.70 2.57 -13.86
N GLU A 249 11.34 1.67 -13.14
CA GLU A 249 11.26 0.25 -13.48
C GLU A 249 10.26 -0.47 -12.59
N VAL A 250 9.65 -1.49 -13.13
CA VAL A 250 8.79 -2.37 -12.37
C VAL A 250 9.46 -3.71 -12.52
N GLN A 251 10.21 -4.12 -11.52
CA GLN A 251 10.92 -5.38 -11.56
C GLN A 251 10.08 -6.48 -10.99
N LEU A 252 10.25 -7.67 -11.49
CA LEU A 252 9.53 -8.83 -11.00
C LEU A 252 10.57 -9.79 -10.52
N TRP A 253 10.55 -10.13 -9.24
CA TRP A 253 11.52 -11.03 -8.63
C TRP A 253 10.88 -12.34 -8.21
N ASP A 254 11.52 -13.44 -8.54
CA ASP A 254 11.09 -14.74 -8.11
C ASP A 254 11.85 -14.85 -6.79
N VAL A 255 11.14 -14.82 -5.65
CA VAL A 255 11.79 -14.85 -4.35
C VAL A 255 12.30 -16.22 -3.95
N GLN A 256 11.72 -17.32 -4.48
CA GLN A 256 12.28 -18.64 -4.17
C GLN A 256 13.61 -18.84 -4.91
N GLN A 257 13.69 -18.35 -6.16
CA GLN A 257 14.93 -18.43 -6.92
C GLN A 257 15.89 -17.29 -6.56
N GLN A 258 15.38 -16.21 -5.92
CA GLN A 258 16.11 -14.99 -5.59
C GLN A 258 16.74 -14.41 -6.85
N LYS A 259 15.93 -14.29 -7.89
CA LYS A 259 16.38 -13.80 -9.18
C LYS A 259 15.35 -12.87 -9.80
N ARG A 260 15.84 -11.89 -10.51
CA ARG A 260 15.01 -10.94 -11.20
C ARG A 260 14.57 -11.60 -12.48
N LEU A 261 13.28 -11.82 -12.65
CA LEU A 261 12.75 -12.40 -13.87
C LEU A 261 12.57 -11.30 -14.92
N ARG A 262 12.11 -10.12 -14.51
CA ARG A 262 11.84 -9.04 -15.45
C ARG A 262 12.23 -7.69 -14.93
N ASN A 263 12.56 -6.78 -15.85
CA ASN A 263 12.85 -5.39 -15.52
C ASN A 263 12.01 -4.62 -16.48
N MET A 264 10.74 -4.39 -16.11
CA MET A 264 9.77 -3.77 -16.98
C MET A 264 9.82 -2.27 -17.01
N THR A 265 10.01 -1.73 -18.20
CA THR A 265 10.02 -0.28 -18.38
C THR A 265 8.85 0.12 -19.23
N SER A 266 8.30 1.25 -18.89
CA SER A 266 7.16 1.85 -19.56
C SER A 266 6.89 3.22 -18.98
N HIS A 267 7.07 3.39 -17.66
CA HIS A 267 6.83 4.65 -16.98
C HIS A 267 7.87 5.71 -17.26
N SER A 268 7.51 6.99 -17.08
CA SER A 268 8.47 8.08 -17.26
C SER A 268 9.03 8.61 -15.92
N ALA A 269 8.55 8.10 -14.78
CA ALA A 269 8.98 8.56 -13.47
C ALA A 269 8.89 7.42 -12.44
N ARG A 270 9.35 7.61 -11.20
CA ARG A 270 9.33 6.55 -10.19
C ARG A 270 7.99 5.87 -10.04
N VAL A 271 8.05 4.58 -9.72
CA VAL A 271 6.84 3.81 -9.53
C VAL A 271 6.61 3.66 -8.04
N GLY A 272 5.76 4.52 -7.49
CA GLY A 272 5.51 4.56 -6.06
C GLY A 272 4.40 3.66 -5.54
N SER A 273 3.57 3.13 -6.44
CA SER A 273 2.48 2.27 -6.01
C SER A 273 2.31 1.07 -6.94
N LEU A 274 1.87 -0.04 -6.36
CA LEU A 274 1.70 -1.29 -7.07
C LEU A 274 0.52 -2.06 -6.50
N SER A 275 -0.15 -2.80 -7.36
CA SER A 275 -1.24 -3.66 -6.92
C SER A 275 -1.45 -4.74 -7.94
N TRP A 276 -1.56 -5.98 -7.48
CA TRP A 276 -1.79 -7.11 -8.34
C TRP A 276 -3.27 -7.47 -8.46
N ASN A 277 -3.65 -8.02 -9.62
CA ASN A 277 -4.93 -8.61 -9.91
C ASN A 277 -4.60 -9.84 -10.73
N SER A 278 -4.42 -10.99 -10.07
CA SER A 278 -4.00 -12.22 -10.71
C SER A 278 -2.57 -11.99 -11.33
N TYR A 279 -2.36 -12.30 -12.61
CA TYR A 279 -1.10 -12.08 -13.30
C TYR A 279 -0.96 -10.62 -13.83
N ILE A 280 -1.96 -9.77 -13.61
CA ILE A 280 -1.88 -8.37 -14.02
C ILE A 280 -1.32 -7.61 -12.85
N LEU A 281 -0.26 -6.88 -13.09
CA LEU A 281 0.34 -6.02 -12.09
C LEU A 281 0.06 -4.62 -12.53
N SER A 282 -0.49 -3.83 -11.65
CA SER A 282 -0.75 -2.42 -11.93
C SER A 282 0.29 -1.60 -11.21
N SER A 283 0.80 -0.60 -11.90
CA SER A 283 1.82 0.26 -11.34
C SER A 283 1.41 1.70 -11.46
N GLY A 284 1.66 2.47 -10.42
CA GLY A 284 1.35 3.88 -10.38
C GLY A 284 2.64 4.65 -10.30
N SER A 285 2.71 5.76 -11.01
CA SER A 285 3.89 6.56 -11.10
C SER A 285 3.74 7.99 -10.63
N ARG A 286 4.88 8.62 -10.30
CA ARG A 286 4.95 10.05 -9.97
C ARG A 286 4.42 10.90 -11.15
N SER A 287 4.45 10.37 -12.38
CA SER A 287 3.90 11.05 -13.56
C SER A 287 2.37 11.20 -13.55
N GLY A 288 1.69 10.39 -12.74
CA GLY A 288 0.23 10.40 -12.70
C GLY A 288 -0.41 9.27 -13.47
N HIS A 289 0.40 8.48 -14.19
CA HIS A 289 -0.13 7.38 -14.98
C HIS A 289 -0.11 6.07 -14.23
N ILE A 290 -1.04 5.22 -14.60
CA ILE A 290 -1.12 3.87 -14.07
C ILE A 290 -0.93 2.98 -15.26
N HIS A 291 -0.09 1.93 -15.15
CA HIS A 291 0.07 1.00 -16.23
C HIS A 291 -0.36 -0.38 -15.77
N HIS A 292 -1.02 -1.15 -16.65
CA HIS A 292 -1.30 -2.55 -16.36
C HIS A 292 -0.21 -3.32 -17.07
N HIS A 293 0.39 -4.27 -16.36
CA HIS A 293 1.44 -5.11 -16.90
C HIS A 293 0.99 -6.56 -16.86
N ASP A 294 1.01 -7.23 -18.02
CA ASP A 294 0.74 -8.66 -18.05
C ASP A 294 2.12 -9.22 -17.91
N VAL A 295 2.48 -9.66 -16.71
CA VAL A 295 3.83 -10.10 -16.41
C VAL A 295 4.24 -11.40 -17.08
N ARG A 296 3.29 -12.11 -17.70
CA ARG A 296 3.59 -13.35 -18.38
C ARG A 296 4.09 -13.15 -19.81
N VAL A 297 3.89 -11.96 -20.41
CA VAL A 297 4.21 -11.77 -21.82
C VAL A 297 5.33 -10.75 -22.10
N ALA A 298 5.97 -10.87 -23.25
CA ALA A 298 7.05 -9.99 -23.71
C ALA A 298 6.68 -8.48 -23.67
N GLU A 299 5.58 -8.06 -24.31
CA GLU A 299 5.16 -6.66 -24.27
C GLU A 299 4.20 -6.56 -23.14
N HIS A 300 4.74 -6.38 -21.94
CA HIS A 300 3.98 -6.38 -20.71
C HIS A 300 2.97 -5.24 -20.61
N HIS A 301 3.29 -4.08 -21.16
CA HIS A 301 2.45 -2.90 -21.04
C HIS A 301 1.19 -3.01 -21.88
N VAL A 302 0.09 -3.45 -21.27
CA VAL A 302 -1.16 -3.68 -21.99
C VAL A 302 -2.22 -2.61 -21.80
N ALA A 303 -1.99 -1.64 -20.90
CA ALA A 303 -2.94 -0.55 -20.70
C ALA A 303 -2.30 0.60 -19.96
N THR A 304 -2.80 1.81 -20.25
CA THR A 304 -2.41 3.04 -19.58
C THR A 304 -3.70 3.68 -19.12
N LEU A 305 -3.82 3.92 -17.81
CA LEU A 305 -4.99 4.52 -17.16
C LEU A 305 -4.50 5.87 -16.72
N SER A 306 -5.05 6.92 -17.30
CA SER A 306 -4.59 8.27 -17.02
C SER A 306 -5.70 9.09 -16.47
N GLY A 307 -5.76 9.16 -15.15
CA GLY A 307 -6.76 9.95 -14.46
C GLY A 307 -6.17 10.80 -13.35
N HIS A 308 -4.84 10.88 -13.25
CA HIS A 308 -4.19 11.70 -12.25
C HIS A 308 -3.19 12.62 -12.87
N SER A 309 -3.08 13.83 -12.34
CA SER A 309 -2.09 14.80 -12.83
C SER A 309 -0.86 14.91 -11.91
N GLN A 310 -0.88 14.25 -10.75
CA GLN A 310 0.21 14.22 -9.80
C GLN A 310 0.44 12.75 -9.41
N GLU A 311 1.46 12.47 -8.61
CA GLU A 311 1.84 11.11 -8.21
C GLU A 311 0.72 10.20 -7.77
N VAL A 312 0.69 8.99 -8.30
CA VAL A 312 -0.25 7.97 -7.87
C VAL A 312 0.41 7.30 -6.68
N CYS A 313 -0.06 7.59 -5.48
CA CYS A 313 0.51 7.05 -4.24
C CYS A 313 -0.31 5.90 -3.60
N GLY A 314 -1.54 5.71 -4.07
CA GLY A 314 -2.39 4.63 -3.57
C GLY A 314 -2.93 3.89 -4.77
N LEU A 315 -2.80 2.56 -4.75
CA LEU A 315 -3.25 1.75 -5.87
C LEU A 315 -3.66 0.43 -5.29
N ARG A 316 -4.93 0.05 -5.47
CA ARG A 316 -5.43 -1.18 -4.88
C ARG A 316 -6.55 -1.78 -5.67
N TRP A 317 -6.33 -2.99 -6.16
CA TRP A 317 -7.36 -3.74 -6.83
C TRP A 317 -8.29 -4.27 -5.77
N ALA A 318 -9.57 -4.33 -6.11
CA ALA A 318 -10.55 -4.89 -5.19
C ALA A 318 -10.32 -6.41 -5.12
N PRO A 319 -10.56 -7.03 -3.96
CA PRO A 319 -10.38 -8.48 -3.83
C PRO A 319 -11.14 -9.30 -4.88
N ASP A 320 -12.29 -8.81 -5.39
CA ASP A 320 -13.03 -9.54 -6.43
C ASP A 320 -12.56 -9.22 -7.87
N GLY A 321 -11.62 -8.30 -8.02
CA GLY A 321 -11.08 -7.90 -9.30
C GLY A 321 -11.99 -7.06 -10.16
N ARG A 322 -13.17 -6.66 -9.65
CA ARG A 322 -14.13 -5.90 -10.45
C ARG A 322 -13.81 -4.40 -10.55
N HIS A 323 -12.97 -3.88 -9.66
CA HIS A 323 -12.61 -2.46 -9.67
C HIS A 323 -11.16 -2.28 -9.22
N LEU A 324 -10.53 -1.20 -9.65
CA LEU A 324 -9.18 -0.82 -9.23
C LEU A 324 -9.31 0.58 -8.70
N ALA A 325 -8.85 0.83 -7.47
CA ALA A 325 -8.89 2.17 -6.91
C ALA A 325 -7.52 2.78 -6.94
N SER A 326 -7.46 4.10 -7.19
CA SER A 326 -6.20 4.80 -7.17
C SER A 326 -6.37 6.12 -6.46
N GLY A 327 -5.38 6.48 -5.69
CA GLY A 327 -5.35 7.74 -4.98
C GLY A 327 -4.10 8.49 -5.39
N GLY A 328 -4.22 9.80 -5.51
CA GLY A 328 -3.10 10.60 -5.94
C GLY A 328 -2.75 11.81 -5.10
N ASN A 329 -1.58 12.37 -5.37
CA ASN A 329 -1.14 13.63 -4.78
C ASN A 329 -1.91 14.82 -5.42
N ASP A 330 -2.83 14.56 -6.36
CA ASP A 330 -3.71 15.59 -6.92
C ASP A 330 -5.06 15.62 -6.17
N ASN A 331 -5.14 14.94 -5.00
CA ASN A 331 -6.30 14.87 -4.12
C ASN A 331 -7.46 14.12 -4.74
N LEU A 332 -7.19 13.25 -5.72
CA LEU A 332 -8.26 12.50 -6.35
C LEU A 332 -8.26 11.05 -5.98
N VAL A 333 -9.44 10.45 -5.98
CA VAL A 333 -9.58 9.02 -5.90
C VAL A 333 -10.28 8.63 -7.20
N ASN A 334 -9.70 7.71 -7.96
CA ASN A 334 -10.35 7.20 -9.15
C ASN A 334 -10.70 5.75 -8.90
N VAL A 335 -11.88 5.35 -9.36
CA VAL A 335 -12.27 3.95 -9.30
C VAL A 335 -12.38 3.55 -10.76
N TRP A 336 -11.53 2.64 -11.16
CA TRP A 336 -11.43 2.20 -12.52
C TRP A 336 -12.15 0.90 -12.72
N PRO A 337 -12.67 0.66 -13.94
CA PRO A 337 -13.22 -0.67 -14.25
C PRO A 337 -12.08 -1.68 -14.44
N SER A 338 -12.42 -2.95 -14.47
CA SER A 338 -11.42 -4.01 -14.67
C SER A 338 -11.04 -4.21 -16.13
N ALA A 339 -11.82 -3.64 -17.07
CA ALA A 339 -11.57 -3.74 -18.51
C ALA A 339 -12.07 -2.47 -19.20
N PRO A 340 -11.51 -2.14 -20.37
CA PRO A 340 -11.98 -0.94 -21.08
C PRO A 340 -13.27 -1.21 -21.88
N GLY A 344 -13.63 3.37 -23.31
CA GLY A 344 -12.22 3.09 -23.11
C GLY A 344 -11.82 3.08 -21.65
N TRP A 345 -10.58 3.51 -21.37
CA TRP A 345 -10.08 3.56 -19.99
C TRP A 345 -10.44 4.84 -19.24
N VAL A 346 -11.70 4.94 -18.82
CA VAL A 346 -12.17 6.10 -18.09
C VAL A 346 -12.67 5.63 -16.72
N PRO A 347 -12.42 6.42 -15.65
CA PRO A 347 -12.91 6.02 -14.33
C PRO A 347 -14.43 5.89 -14.24
N LEU A 348 -14.89 4.90 -13.49
CA LEU A 348 -16.28 4.70 -13.13
C LEU A 348 -16.69 5.75 -12.06
N GLN A 349 -15.73 6.15 -11.19
CA GLN A 349 -15.94 7.17 -10.18
C GLN A 349 -14.67 7.99 -10.04
N THR A 350 -14.85 9.29 -9.76
CA THR A 350 -13.75 10.17 -9.45
C THR A 350 -14.20 10.97 -8.26
N PHE A 351 -13.67 10.63 -7.10
CA PHE A 351 -14.00 11.31 -5.87
C PHE A 351 -13.00 12.42 -5.64
N THR A 352 -13.51 13.65 -5.57
CA THR A 352 -12.70 14.85 -5.37
C THR A 352 -12.75 15.42 -3.92
N GLN A 353 -13.52 14.80 -3.03
CA GLN A 353 -13.81 15.29 -1.68
C GLN A 353 -12.61 15.36 -0.74
N HIS A 354 -11.58 14.52 -0.95
CA HIS A 354 -10.39 14.62 -0.12
C HIS A 354 -9.64 15.91 -0.50
N GLN A 355 -9.23 16.68 0.48
CA GLN A 355 -8.55 17.94 0.28
C GLN A 355 -7.08 17.74 0.62
N GLY A 356 -6.49 16.69 0.09
CA GLY A 356 -5.10 16.34 0.34
C GLY A 356 -4.75 15.03 -0.34
N ALA A 357 -3.46 14.70 -0.41
CA ALA A 357 -3.02 13.45 -1.07
C ALA A 357 -3.76 12.21 -0.57
N VAL A 358 -4.10 11.30 -1.47
CA VAL A 358 -4.81 10.10 -1.07
C VAL A 358 -3.91 8.89 -1.22
N LYS A 359 -3.24 8.51 -0.16
CA LYS A 359 -2.37 7.35 -0.17
C LYS A 359 -3.11 6.13 0.36
N ALA A 360 -3.98 6.32 1.34
CA ALA A 360 -4.71 5.24 1.96
C ALA A 360 -5.85 4.81 1.09
N VAL A 361 -5.84 3.55 0.68
CA VAL A 361 -6.84 3.00 -0.21
C VAL A 361 -6.98 1.53 0.17
N ALA A 362 -8.16 1.10 0.64
CA ALA A 362 -8.36 -0.31 0.99
C ALA A 362 -9.80 -0.70 0.80
N TRP A 363 -10.01 -1.85 0.21
CA TRP A 363 -11.36 -2.34 -0.06
C TRP A 363 -11.83 -3.15 1.09
N CYS A 364 -13.13 -3.07 1.33
CA CYS A 364 -13.76 -3.89 2.34
C CYS A 364 -13.75 -5.35 1.86
N PRO A 365 -13.13 -6.25 2.62
CA PRO A 365 -13.09 -7.67 2.20
C PRO A 365 -14.44 -8.36 2.16
N TRP A 366 -15.41 -7.89 2.95
CA TRP A 366 -16.73 -8.53 2.99
C TRP A 366 -17.84 -7.75 2.23
N GLN A 367 -17.47 -6.68 1.52
CA GLN A 367 -18.42 -5.89 0.73
C GLN A 367 -17.67 -5.42 -0.49
N SER A 368 -17.96 -6.06 -1.62
CA SER A 368 -17.31 -5.85 -2.90
C SER A 368 -17.15 -4.41 -3.34
N ASN A 369 -18.17 -3.60 -3.18
CA ASN A 369 -18.16 -2.22 -3.65
C ASN A 369 -17.80 -1.18 -2.60
N VAL A 370 -17.44 -1.59 -1.37
CA VAL A 370 -17.11 -0.63 -0.33
C VAL A 370 -15.62 -0.37 -0.29
N LEU A 371 -15.27 0.91 -0.39
CA LEU A 371 -13.88 1.35 -0.43
C LEU A 371 -13.60 2.33 0.66
N ALA A 372 -12.45 2.21 1.32
CA ALA A 372 -12.02 3.20 2.31
C ALA A 372 -10.82 3.93 1.75
N THR A 373 -10.82 5.24 1.86
CA THR A 373 -9.70 6.07 1.43
C THR A 373 -9.33 7.05 2.56
N GLY A 374 -8.08 7.50 2.57
CA GLY A 374 -7.63 8.44 3.58
C GLY A 374 -6.75 9.51 2.98
N GLY A 375 -6.97 10.74 3.41
CA GLY A 375 -6.23 11.88 2.91
C GLY A 375 -5.05 12.28 3.78
N GLY A 376 -4.14 13.07 3.21
CA GLY A 376 -2.94 13.54 3.86
C GLY A 376 -3.18 14.62 4.88
N THR A 377 -2.12 15.34 5.25
CA THR A 377 -2.13 16.35 6.31
C THR A 377 -3.17 17.46 6.12
N SER A 378 -3.41 17.88 4.87
CA SER A 378 -4.39 18.93 4.62
C SER A 378 -5.83 18.40 4.58
N ASP A 379 -6.03 17.09 4.70
CA ASP A 379 -7.36 16.50 4.62
C ASP A 379 -7.72 15.85 5.94
N ARG A 380 -6.90 14.88 6.37
CA ARG A 380 -7.01 14.16 7.64
C ARG A 380 -8.24 13.28 7.79
N HIS A 381 -8.97 13.03 6.70
CA HIS A 381 -10.17 12.24 6.80
C HIS A 381 -10.08 10.85 6.18
N ILE A 382 -10.81 9.92 6.80
CA ILE A 382 -11.08 8.62 6.28
C ILE A 382 -12.47 8.74 5.65
N ARG A 383 -12.60 8.27 4.42
CA ARG A 383 -13.88 8.28 3.73
C ARG A 383 -14.21 6.89 3.30
N ILE A 384 -15.45 6.50 3.50
CA ILE A 384 -15.93 5.18 3.11
C ILE A 384 -16.89 5.41 1.98
N TRP A 385 -16.72 4.70 0.89
CA TRP A 385 -17.55 4.89 -0.30
C TRP A 385 -18.20 3.62 -0.72
N ASN A 386 -19.29 3.76 -1.47
CA ASN A 386 -19.85 2.67 -2.21
C ASN A 386 -19.50 3.08 -3.65
N VAL A 387 -18.65 2.32 -4.31
CA VAL A 387 -18.16 2.67 -5.65
C VAL A 387 -19.20 2.48 -6.77
N CYS A 388 -20.29 1.76 -6.49
CA CYS A 388 -21.33 1.55 -7.48
C CYS A 388 -22.25 2.77 -7.50
N SER A 389 -22.77 3.16 -6.34
CA SER A 389 -23.65 4.34 -6.25
C SER A 389 -22.87 5.67 -6.22
N GLY A 390 -21.59 5.62 -5.88
CA GLY A 390 -20.76 6.80 -5.70
C GLY A 390 -20.94 7.47 -4.35
N ALA A 391 -21.79 6.90 -3.49
CA ALA A 391 -22.12 7.50 -2.21
C ALA A 391 -20.96 7.49 -1.25
N CYS A 392 -20.78 8.58 -0.52
CA CYS A 392 -19.81 8.61 0.56
C CYS A 392 -20.63 8.19 1.77
N LEU A 393 -20.40 6.99 2.23
CA LEU A 393 -21.13 6.41 3.36
C LEU A 393 -20.70 7.03 4.70
N SER A 394 -19.45 7.47 4.80
CA SER A 394 -18.94 8.04 6.02
C SER A 394 -17.71 8.90 5.74
N ALA A 395 -17.55 9.97 6.48
CA ALA A 395 -16.39 10.85 6.38
C ALA A 395 -16.00 11.13 7.82
N VAL A 396 -14.85 10.63 8.24
CA VAL A 396 -14.41 10.76 9.64
C VAL A 396 -13.10 11.50 9.76
N ASP A 397 -13.04 12.47 10.68
CA ASP A 397 -11.83 13.23 10.94
C ASP A 397 -10.89 12.42 11.82
N ALA A 398 -9.74 12.05 11.29
CA ALA A 398 -8.72 11.35 12.07
C ALA A 398 -7.72 12.29 12.76
N HIS A 399 -7.83 13.62 12.50
CA HIS A 399 -6.98 14.65 13.09
C HIS A 399 -5.51 14.53 12.76
N SER A 400 -5.20 13.88 11.67
CA SER A 400 -3.85 13.65 11.24
C SER A 400 -3.88 13.08 9.84
N GLN A 401 -2.73 13.10 9.16
CA GLN A 401 -2.62 12.46 7.86
C GLN A 401 -2.93 10.96 7.97
N VAL A 402 -3.55 10.41 6.95
CA VAL A 402 -3.93 9.02 6.93
C VAL A 402 -3.09 8.36 5.86
N CYS A 403 -1.98 7.74 6.25
CA CYS A 403 -1.07 7.12 5.30
C CYS A 403 -1.55 5.82 4.78
N SER A 404 -2.35 5.11 5.57
CA SER A 404 -2.72 3.77 5.22
C SER A 404 -3.97 3.34 5.94
N ILE A 405 -4.80 2.51 5.30
CA ILE A 405 -5.98 1.90 5.89
C ILE A 405 -5.98 0.43 5.56
N LEU A 406 -6.35 -0.40 6.52
CA LEU A 406 -6.53 -1.83 6.34
C LEU A 406 -7.85 -2.18 6.98
N TRP A 407 -8.50 -3.20 6.47
CA TRP A 407 -9.74 -3.69 7.05
C TRP A 407 -9.41 -5.04 7.65
N SER A 408 -9.98 -5.34 8.80
CA SER A 408 -9.83 -6.66 9.39
C SER A 408 -11.01 -7.45 8.90
N PRO A 409 -10.81 -8.54 8.16
CA PRO A 409 -11.97 -9.37 7.77
C PRO A 409 -12.59 -10.14 8.94
N HIS A 410 -11.87 -10.31 10.04
CA HIS A 410 -12.39 -11.05 11.19
C HIS A 410 -13.20 -10.20 12.17
N TYR A 411 -12.69 -9.04 12.58
CA TYR A 411 -13.35 -8.21 13.58
C TYR A 411 -14.34 -7.18 13.06
N LYS A 412 -14.40 -6.95 11.76
CA LYS A 412 -15.29 -5.90 11.20
C LYS A 412 -14.86 -4.54 11.74
N GLU A 413 -13.58 -4.30 11.56
CA GLU A 413 -12.91 -3.10 11.99
C GLU A 413 -11.99 -2.62 10.89
N LEU A 414 -11.58 -1.38 11.01
CA LEU A 414 -10.60 -0.76 10.14
C LEU A 414 -9.45 -0.34 11.02
N ILE A 415 -8.26 -0.27 10.46
CA ILE A 415 -7.10 0.26 11.15
C ILE A 415 -6.43 1.26 10.21
N SER A 416 -6.08 2.41 10.73
CA SER A 416 -5.45 3.46 9.94
C SER A 416 -4.14 3.87 10.58
N GLY A 417 -3.19 4.34 9.77
CA GLY A 417 -1.90 4.82 10.25
C GLY A 417 -1.81 6.32 10.11
N HIS A 418 -1.15 6.97 11.08
CA HIS A 418 -1.14 8.43 11.12
C HIS A 418 0.21 9.06 11.42
N GLY A 419 0.27 10.38 11.25
CA GLY A 419 1.49 11.13 11.50
C GLY A 419 1.33 12.08 12.66
N PHE A 420 1.79 13.32 12.49
CA PHE A 420 1.72 14.38 13.49
C PHE A 420 0.29 14.51 14.05
N ALA A 421 0.10 14.56 15.38
CA ALA A 421 1.19 14.59 16.35
C ALA A 421 1.42 13.27 17.07
N GLN A 422 0.43 12.36 17.08
CA GLN A 422 0.55 11.14 17.89
C GLN A 422 1.30 9.99 17.23
N ASN A 423 1.48 10.01 15.89
CA ASN A 423 2.16 8.94 15.12
C ASN A 423 1.61 7.57 15.47
N GLN A 424 0.30 7.50 15.57
CA GLN A 424 -0.35 6.30 16.01
C GLN A 424 -1.15 5.56 14.95
N LEU A 425 -1.58 4.34 15.30
CA LEU A 425 -2.53 3.62 14.49
C LEU A 425 -3.85 3.72 15.22
N VAL A 426 -4.97 3.86 14.47
CA VAL A 426 -6.27 3.90 15.10
C VAL A 426 -7.06 2.72 14.60
N ILE A 427 -7.70 2.00 15.53
CA ILE A 427 -8.60 0.93 15.17
C ILE A 427 -10.01 1.49 15.32
N TRP A 428 -10.82 1.35 14.26
CA TRP A 428 -12.19 1.86 14.24
C TRP A 428 -13.15 0.70 14.06
N LYS A 429 -14.30 0.75 14.71
CA LYS A 429 -15.33 -0.27 14.56
C LYS A 429 -16.13 0.03 13.32
N TYR A 430 -16.40 -0.96 12.48
CA TYR A 430 -17.20 -0.76 11.28
C TYR A 430 -18.54 -1.46 11.46
N PRO A 431 -19.68 -0.84 11.07
CA PRO A 431 -19.82 0.41 10.33
C PRO A 431 -20.01 1.70 11.14
N THR A 432 -20.00 1.63 12.47
CA THR A 432 -20.21 2.81 13.30
C THR A 432 -19.12 3.84 13.26
N MET A 433 -17.91 3.42 12.83
CA MET A 433 -16.71 4.24 12.78
C MET A 433 -16.31 4.79 14.14
N ALA A 434 -16.67 4.09 15.22
CA ALA A 434 -16.30 4.52 16.56
C ALA A 434 -14.86 4.13 16.80
N LYS A 435 -14.11 4.97 17.51
CA LYS A 435 -12.73 4.68 17.84
C LYS A 435 -12.70 3.53 18.86
N VAL A 436 -11.96 2.48 18.58
CA VAL A 436 -11.86 1.33 19.46
C VAL A 436 -10.57 1.41 20.28
N ALA A 437 -9.45 1.73 19.62
CA ALA A 437 -8.15 1.74 20.25
C ALA A 437 -7.16 2.62 19.49
N GLU A 438 -6.12 3.05 20.19
CA GLU A 438 -5.04 3.78 19.58
C GLU A 438 -3.76 3.02 19.90
N LEU A 439 -2.98 2.73 18.89
CA LEU A 439 -1.71 2.03 19.07
C LEU A 439 -0.58 3.04 18.96
N LYS A 440 -0.07 3.42 20.12
CA LYS A 440 1.00 4.39 20.29
C LYS A 440 2.34 3.69 20.51
N GLY A 441 3.39 4.31 20.00
CA GLY A 441 4.73 3.76 20.12
C GLY A 441 5.72 4.35 19.14
N HIS A 442 5.30 4.58 17.90
CA HIS A 442 6.17 5.19 16.90
C HIS A 442 6.53 6.62 17.32
N THR A 443 7.78 7.02 17.10
CA THR A 443 8.22 8.38 17.46
C THR A 443 8.26 9.35 16.26
N SER A 444 7.93 8.88 15.05
CA SER A 444 7.83 9.69 13.84
C SER A 444 6.67 9.12 12.99
N ARG A 445 6.25 9.87 11.97
CA ARG A 445 5.09 9.52 11.17
C ARG A 445 5.10 8.11 10.64
N VAL A 446 3.93 7.49 10.69
CA VAL A 446 3.76 6.16 10.11
C VAL A 446 3.72 6.37 8.59
N LEU A 447 4.39 5.51 7.86
CA LEU A 447 4.46 5.58 6.41
C LEU A 447 3.54 4.56 5.76
N SER A 448 3.53 3.33 6.25
CA SER A 448 2.67 2.30 5.66
C SER A 448 2.23 1.27 6.66
N LEU A 449 1.10 0.65 6.38
CA LEU A 449 0.59 -0.47 7.12
C LEU A 449 0.46 -1.62 6.18
N THR A 450 0.69 -2.82 6.68
CA THR A 450 0.45 -4.02 5.92
C THR A 450 -0.05 -5.10 6.85
N MET A 451 -0.92 -5.95 6.36
CA MET A 451 -1.53 -6.98 7.18
C MET A 451 -0.94 -8.33 6.94
N SER A 452 -0.79 -9.13 8.00
CA SER A 452 -0.33 -10.51 7.88
C SER A 452 -1.37 -11.33 7.10
N PRO A 453 -0.98 -12.45 6.50
CA PRO A 453 -1.95 -13.27 5.74
C PRO A 453 -3.10 -13.79 6.59
N ASP A 454 -2.85 -14.11 7.87
CA ASP A 454 -3.92 -14.60 8.73
C ASP A 454 -4.83 -13.48 9.26
N GLY A 455 -4.46 -12.22 9.05
CA GLY A 455 -5.25 -11.07 9.48
C GLY A 455 -5.05 -10.67 10.93
N ALA A 456 -4.22 -11.39 11.70
CA ALA A 456 -4.02 -11.09 13.12
C ALA A 456 -3.09 -9.92 13.40
N THR A 457 -2.09 -9.75 12.57
CA THR A 457 -1.04 -8.79 12.80
C THR A 457 -0.95 -7.72 11.76
N VAL A 458 -0.68 -6.51 12.18
CA VAL A 458 -0.47 -5.38 11.30
C VAL A 458 0.95 -4.89 11.49
N ALA A 459 1.70 -4.78 10.41
CA ALA A 459 3.03 -4.20 10.46
C ALA A 459 2.89 -2.74 10.07
N SER A 460 3.41 -1.86 10.89
CA SER A 460 3.47 -0.44 10.56
C SER A 460 4.92 -0.05 10.36
N ALA A 461 5.24 0.50 9.21
CA ALA A 461 6.58 1.02 8.92
C ALA A 461 6.51 2.52 9.19
N ALA A 462 7.47 3.08 9.90
CA ALA A 462 7.45 4.49 10.24
C ALA A 462 8.79 5.17 10.00
N ALA A 463 8.77 6.49 9.88
CA ALA A 463 9.96 7.31 9.65
C ALA A 463 10.95 7.28 10.83
N ASP A 464 10.60 6.62 11.95
CA ASP A 464 11.50 6.43 13.08
C ASP A 464 12.40 5.18 12.87
N GLU A 465 12.42 4.62 11.64
CA GLU A 465 13.24 3.50 11.25
C GLU A 465 12.91 2.22 11.97
N THR A 466 11.62 2.00 12.23
CA THR A 466 11.18 0.73 12.81
C THR A 466 9.96 0.21 12.05
N LEU A 467 9.77 -1.11 12.11
CA LEU A 467 8.56 -1.75 11.68
C LEU A 467 8.00 -2.36 12.93
N ARG A 468 6.87 -1.85 13.40
CA ARG A 468 6.24 -2.39 14.58
C ARG A 468 5.16 -3.36 14.15
N LEU A 469 5.17 -4.57 14.71
CA LEU A 469 4.20 -5.60 14.35
C LEU A 469 3.19 -5.75 15.45
N TRP A 470 1.99 -5.26 15.24
CA TRP A 470 0.96 -5.25 16.25
C TRP A 470 0.01 -6.41 16.07
N ARG A 471 -0.08 -7.34 17.03
CA ARG A 471 -1.03 -8.43 16.96
C ARG A 471 -2.33 -7.85 17.55
N CYS A 472 -2.92 -6.90 16.84
CA CYS A 472 -4.11 -6.19 17.31
C CYS A 472 -5.43 -6.82 16.88
N PHE A 473 -5.39 -7.83 16.00
CA PHE A 473 -6.60 -8.52 15.59
C PHE A 473 -6.46 -10.01 15.91
N GLU A 474 -6.14 -10.33 17.18
CA GLU A 474 -6.06 -11.68 17.73
C GLU A 474 -5.81 -11.64 19.23
N ALA B 2 21.73 -3.74 12.05
CA ALA B 2 21.25 -4.87 11.28
C ALA B 2 19.86 -4.62 10.74
N PRO B 3 19.70 -4.66 9.41
CA PRO B 3 18.37 -4.45 8.83
C PRO B 3 17.41 -5.59 9.19
N GLY B 5 16.47 -6.70 12.05
CA GLY B 5 16.78 -7.43 13.27
C GLY B 5 16.00 -6.93 14.47
#